data_9CPD
#
_entry.id   9CPD
#
_cell.length_a   1
_cell.length_b   1
_cell.length_c   1
_cell.angle_alpha   90
_cell.angle_beta   90
_cell.angle_gamma   90
#
loop_
_entity.id
_entity.type
_entity.pdbx_description
1 polymer "RNA (5'-R(*GP*AP*CP*AP*GP*CP*UP*GP*CP*UP*GP*UP*C)-3')"
2 non-polymer 4-[(3-methoxyphenyl)amino]-2-methylquinoline-6-carboximidamide
#
_entity_poly.entity_id   1
_entity_poly.type   'polyribonucleotide'
_entity_poly.pdbx_seq_one_letter_code
;GACAGCUGCUGUC
;
_entity_poly.pdbx_strand_id   A,B
#
loop_
_chem_comp.id
_chem_comp.type
_chem_comp.name
_chem_comp.formula
A RNA linking ADENOSINE-5'-MONOPHOSPHATE 'C10 H14 N5 O7 P'
C RNA linking CYTIDINE-5'-MONOPHOSPHATE 'C9 H14 N3 O8 P'
G RNA linking GUANOSINE-5'-MONOPHOSPHATE 'C10 H14 N5 O8 P'
MQC non-polymer 4-[(3-methoxyphenyl)amino]-2-methylquinoline-6-carboximidamide 'C18 H18 N4 O'
U RNA linking URIDINE-5'-MONOPHOSPHATE 'C9 H13 N2 O9 P'
#
# COMPACT_ATOMS: atom_id res chain seq x y z
N1 MQC C . -0.99 -1.03 5.86
C1 MQC C . -0.31 -0.50 4.76
N4 MQC C . 0.53 0.62 4.91
C2 MQC C . -0.56 -1.07 3.39
C18 MQC C . 0.01 -0.47 2.25
C17 MQC C . -0.22 -0.97 0.95
C3 MQC C . -1.37 -2.20 3.21
C4 MQC C . -1.65 -2.70 1.94
C5 MQC C . -1.08 -2.09 0.81
N2 MQC C . -1.40 -2.60 -0.44
C6 MQC C . -0.83 -2.03 -1.58
C7 MQC C . -1.20 -2.62 -2.93
C8 MQC C . 0.06 -0.95 -1.46
C9 MQC C . 0.37 -0.39 -0.20
N3 MQC C . 1.26 0.68 -0.07
C10 MQC C . 1.47 1.83 -0.82
C16 MQC C . 2.43 2.74 -0.35
C11 MQC C . 0.70 2.17 -1.96
C12 MQC C . 0.90 3.39 -2.60
C13 MQC C . 1.86 4.31 -2.12
C14 MQC C . 2.61 3.99 -0.97
O1 MQC C . 3.49 4.87 -0.43
C15 MQC C . 3.00 6.14 0.06
H11 MQC C . -1.40 -1.93 5.75
H10 MQC C . 1.16 0.82 4.15
H9 MQC C . 0.89 0.80 5.85
H1 MQC C . 0.67 0.41 2.37
H2 MQC C . -1.81 -2.70 4.05
H3 MQC C . -2.30 -3.55 1.85
H15 MQC C . -2.21 -2.28 -3.19
H17 MQC C . -1.19 -3.72 -2.90
H16 MQC C . -0.53 -2.27 -3.72
H4 MQC C . 0.53 -0.56 -2.35
H14 MQC C . 1.79 0.67 0.80
H5 MQC C . 2.99 2.51 0.57
H8 MQC C . -0.08 1.53 -2.34
H7 MQC C . 0.34 3.66 -3.46
H6 MQC C . 1.98 5.28 -2.61
H18 MQC C . 3.84 6.74 0.45
H20 MQC C . 2.30 6.00 0.87
H19 MQC C . 2.55 6.70 -0.75
H12 MQC C . -0.58 -0.82 6.77
H13 MQC C . -1.98 -3.41 -0.53
N1 MQC C . 0.63 -0.04 4.93
C1 MQC C . -0.57 -0.71 4.77
N4 MQC C . -1.43 -0.92 5.84
C2 MQC C . -0.97 -1.19 3.41
C18 MQC C . -0.27 -0.78 2.25
C17 MQC C . -0.59 -1.22 0.96
C3 MQC C . -2.04 -2.09 3.23
C4 MQC C . -2.37 -2.55 1.95
C5 MQC C . -1.64 -2.14 0.83
N2 MQC C . -2.01 -2.64 -0.43
C6 MQC C . -1.35 -2.20 -1.56
C7 MQC C . -1.80 -2.77 -2.89
C8 MQC C . -0.28 -1.28 -1.46
C9 MQC C . 0.10 -0.79 -0.20
N3 MQC C . 1.15 0.13 -0.09
C10 MQC C . 1.42 1.32 -0.77
C16 MQC C . 2.44 2.16 -0.27
C11 MQC C . 0.64 1.78 -1.86
C12 MQC C . 0.89 3.02 -2.45
C13 MQC C . 1.92 3.84 -1.96
C14 MQC C . 2.69 3.40 -0.86
O1 MQC C . 3.63 4.23 -0.32
C15 MQC C . 3.20 5.46 0.27
H11 MQC C . 1.04 0.38 4.10
H10 MQC C . -1.23 -0.40 6.68
H9 MQC C . -2.39 -1.16 5.61
H1 MQC C . 0.50 -0.01 2.36
H2 MQC C . -2.64 -2.44 4.10
H3 MQC C . -3.17 -3.29 1.84
H15 MQC C . -1.56 -3.85 -2.93
H17 MQC C . -1.29 -2.30 -3.74
H16 MQC C . -2.89 -2.64 -3.00
H4 MQC C . 0.26 -0.98 -2.35
H14 MQC C . 1.68 0.05 0.77
H5 MQC C . 3.03 1.87 0.58
H8 MQC C . -0.16 1.19 -2.29
H7 MQC C . 0.28 3.34 -3.27
H6 MQC C . 2.09 4.81 -2.41
H18 MQC C . 2.51 5.27 1.12
H20 MQC C . 2.65 6.06 -0.47
H19 MQC C . 4.08 6.02 0.64
H12 MQC C . 0.75 0.44 5.80
H13 MQC C . -2.78 -3.31 -0.53
N1 MQC C . 0.32 -0.85 4.16
C1 MQC C . -0.57 -1.89 3.89
N4 MQC C . -1.15 -2.57 4.97
C2 MQC C . -0.90 -2.27 2.49
C18 MQC C . -0.49 -1.46 1.42
C17 MQC C . -0.78 -1.79 0.08
C3 MQC C . -1.65 -3.41 2.22
C4 MQC C . -1.97 -3.75 0.90
C5 MQC C . -1.55 -2.94 -0.16
N2 MQC C . -1.92 -3.29 -1.46
C6 MQC C . -1.45 -2.53 -2.54
C7 MQC C . -1.86 -2.94 -3.94
C8 MQC C . -0.65 -1.41 -2.31
C9 MQC C . -0.32 -1.00 -1.00
N3 MQC C . 0.51 0.10 -0.72
C10 MQC C . 0.84 1.27 -1.39
C16 MQC C . 1.70 2.15 -0.73
C11 MQC C . 0.27 1.68 -2.61
C12 MQC C . 0.57 2.93 -3.15
C13 MQC C . 1.45 3.79 -2.49
C14 MQC C . 2.01 3.40 -1.27
O1 MQC C . 2.83 4.26 -0.61
C15 MQC C . 2.23 5.42 -0.01
H11 MQC C . 0.96 -0.59 3.40
H10 MQC C . -0.73 -2.44 5.88
H9 MQC C . -1.54 -3.48 4.78
H1 MQC C . 0.10 -0.57 1.64
H2 MQC C . -2.00 -4.07 3.01
H3 MQC C . -2.59 -4.63 0.71
H15 MQC C . -2.03 -4.03 -4.01
H17 MQC C . -1.11 -2.65 -4.67
H16 MQC C . -2.80 -2.44 -4.22
H4 MQC C . -0.24 -0.92 -3.18
H14 MQC C . 0.88 0.07 0.21
H5 MQC C . 2.12 1.84 0.23
H8 MQC C . -0.46 1.08 -3.11
H7 MQC C . 0.08 3.22 -4.07
H6 MQC C . 1.65 4.76 -2.94
H18 MQC C . 1.54 5.10 0.78
H20 MQC C . 1.68 6.00 -0.75
H19 MQC C . 3.02 6.04 0.43
H12 MQC C . 0.61 -0.72 5.12
H13 MQC C . -2.51 -4.09 -1.62
N1 MQC C . 0.82 -0.46 4.47
C1 MQC C . -0.32 -1.21 4.26
N4 MQC C . -1.05 -1.68 5.33
C2 MQC C . -0.76 -1.53 2.87
C18 MQC C . -0.09 -0.96 1.77
C17 MQC C . -0.44 -1.27 0.45
C3 MQC C . -1.84 -2.40 2.62
C4 MQC C . -2.21 -2.70 1.31
C5 MQC C . -1.50 -2.16 0.23
N2 MQC C . -1.90 -2.52 -1.04
C6 MQC C . -1.20 -2.02 -2.15
C7 MQC C . -1.63 -2.43 -3.54
C8 MQC C . -0.14 -1.13 -1.95
C9 MQC C . 0.24 -0.71 -0.66
N3 MQC C . 1.25 0.20 -0.44
C10 MQC C . 1.62 1.40 -1.09
C16 MQC C . 2.59 2.20 -0.45
C11 MQC C . 1.01 1.90 -2.25
C12 MQC C . 1.38 3.13 -2.79
C13 MQC C . 2.38 3.90 -2.17
C14 MQC C . 2.97 3.45 -0.99
O1 MQC C . 3.86 4.23 -0.33
C15 MQC C . 3.37 5.43 0.26
H11 MQC C . 1.22 -0.51 5.39
H10 MQC C . -0.97 -1.16 6.20
H9 MQC C . -1.96 -2.04 5.12
H1 MQC C . 0.74 -0.27 1.96
H2 MQC C . -2.41 -2.86 3.43
H3 MQC C . -3.05 -3.35 1.13
H15 MQC C . -0.82 -2.33 -4.26
H17 MQC C . -2.46 -1.80 -3.90
H16 MQC C . -1.95 -3.46 -3.55
H4 MQC C . 0.41 -0.75 -2.82
H14 MQC C . 1.72 0.12 0.46
H5 MQC C . 3.05 1.86 0.47
H8 MQC C . 0.20 1.38 -2.75
H7 MQC C . 0.88 3.50 -3.68
H6 MQC C . 2.64 4.86 -2.60
H18 MQC C . 4.23 6.01 0.67
H20 MQC C . 2.68 5.19 1.09
H19 MQC C . 2.86 6.05 -0.49
H12 MQC C . 1.49 -0.39 3.71
H13 MQC C . -2.65 -3.17 -1.17
N1 MQC C . 0.83 -0.13 5.32
C1 MQC C . -0.39 -0.81 5.17
N4 MQC C . -1.23 -1.02 6.23
C2 MQC C . -0.78 -1.32 3.82
C18 MQC C . -0.17 -0.81 2.66
C17 MQC C . -0.55 -1.27 1.38
C3 MQC C . -1.77 -2.30 3.69
C4 MQC C . -2.17 -2.75 2.43
C5 MQC C . -1.55 -2.26 1.28
N2 MQC C . -1.97 -2.72 0.06
C6 MQC C . -1.39 -2.25 -1.10
C7 MQC C . -1.89 -2.79 -2.44
C8 MQC C . -0.37 -1.28 -1.02
C9 MQC C . 0.06 -0.75 0.21
N3 MQC C . 1.11 0.17 0.29
C10 MQC C . 1.30 1.38 -0.35
C16 MQC C . 2.25 2.28 0.19
C11 MQC C . 0.58 1.80 -1.48
C12 MQC C . 0.78 3.08 -2.03
C13 MQC C . 1.67 3.97 -1.44
C14 MQC C . 2.41 3.56 -0.33
O1 MQC C . 3.32 4.40 0.28
C15 MQC C . 2.79 5.49 1.05
H11 MQC C . 1.39 0.14 4.54
H10 MQC C . -0.87 -0.84 7.16
H9 MQC C . -2.02 -1.63 6.11
H1 MQC C . 0.58 -0.04 2.76
H2 MQC C . -2.27 -2.69 4.58
H3 MQC C . -2.96 -3.49 2.36
H15 MQC C . -1.69 -3.87 -2.48
H17 MQC C . -1.40 -2.33 -3.30
H16 MQC C . -2.98 -2.65 -2.56
H4 MQC C . 0.12 -0.98 -1.94
H14 MQC C . 1.66 0.08 1.15
H5 MQC C . 2.80 2.01 1.09
H8 MQC C . -0.18 1.19 -1.94
H7 MQC C . 0.21 3.38 -2.91
H6 MQC C . 1.79 4.96 -1.86
H18 MQC C . 2.20 6.17 0.41
H20 MQC C . 3.62 6.06 1.52
H19 MQC C . 2.15 5.11 1.86
H12 MQC C . 0.97 0.33 6.22
H13 MQC C . -2.67 -3.45 0.00
N1 MQC C . -1.12 -2.00 5.75
C1 MQC C . -0.56 -1.32 4.70
N4 MQC C . 0.31 -0.25 4.93
C2 MQC C . -0.78 -1.77 3.29
C18 MQC C . -0.23 -1.07 2.20
C17 MQC C . -0.48 -1.47 0.86
C3 MQC C . -1.57 -2.92 3.04
C4 MQC C . -1.82 -3.34 1.71
C5 MQC C . -1.29 -2.61 0.64
N2 MQC C . -1.63 -3.00 -0.65
C6 MQC C . -1.13 -2.29 -1.74
C7 MQC C . -1.52 -2.71 -3.15
C8 MQC C . -0.23 -1.21 -1.52
C9 MQC C . 0.05 -0.77 -0.22
N3 MQC C . 0.90 0.32 0.00
C10 MQC C . 1.25 1.45 -0.70
C16 MQC C . 2.23 2.28 -0.10
C11 MQC C . 0.69 1.84 -1.91
C12 MQC C . 1.07 3.05 -2.52
C13 MQC C . 2.01 3.89 -1.92
C14 MQC C . 2.63 3.49 -0.72
O1 MQC C . 3.58 4.27 -0.10
C15 MQC C . 3.17 5.53 0.42
H11 MQC C . -0.85 -1.77 6.70
H10 MQC C . 0.48 0.41 4.17
H9 MQC C . 0.37 0.14 5.87
H1 MQC C . 0.37 -0.20 2.42
H2 MQC C . -1.99 -3.49 3.85
H3 MQC C . -2.40 -4.23 1.54
H15 MQC C . -0.81 -2.31 -3.88
H17 MQC C . -2.51 -2.34 -3.41
H16 MQC C . -1.53 -3.81 -3.21
H4 MQC C . 0.20 -0.73 -2.38
H14 MQC C . 1.30 0.30 0.93
H5 MQC C . 2.67 2.02 0.84
H8 MQC C . -0.13 1.29 -2.37
H7 MQC C . 0.57 3.38 -3.43
H6 MQC C . 2.30 4.84 -2.38
H18 MQC C . 2.42 5.37 1.23
H20 MQC C . 2.71 6.14 -0.36
H19 MQC C . 4.03 6.04 0.85
H12 MQC C . -1.39 -2.97 5.60
H13 MQC C . -2.20 -3.81 -0.78
N1 MQC C . -0.09 -0.80 3.51
C1 MQC C . -0.92 -1.86 3.24
N4 MQC C . -1.58 -2.49 4.28
C2 MQC C . -1.19 -2.24 1.82
C18 MQC C . -0.63 -1.53 0.75
C17 MQC C . -0.87 -1.89 -0.60
C3 MQC C . -1.99 -3.39 1.54
C4 MQC C . -2.23 -3.75 0.22
C5 MQC C . -1.70 -3.02 -0.85
N2 MQC C . -1.94 -3.46 -2.15
C6 MQC C . -1.39 -2.77 -3.22
C7 MQC C . -1.66 -3.26 -4.63
C8 MQC C . -0.59 -1.63 -2.98
C9 MQC C . -0.32 -1.17 -1.67
N3 MQC C . 0.45 -0.03 -1.38
C10 MQC C . 0.72 1.15 -2.05
C16 MQC C . 1.57 2.09 -1.42
C11 MQC C . 0.17 1.50 -3.31
C12 MQC C . 0.47 2.72 -3.90
C13 MQC C . 1.31 3.63 -3.25
C14 MQC C . 1.84 3.33 -2.00
O1 MQC C . 2.64 4.25 -1.36
C15 MQC C . 2.03 5.46 -0.87
H11 MQC C . 0.03 -0.14 2.76
H10 MQC C . -1.20 -2.35 5.21
H9 MQC C . -1.93 -3.42 4.07
H1 MQC C . -0.01 -0.66 0.96
H2 MQC C . -2.44 -3.96 2.35
H3 MQC C . -2.88 -4.60 0.01
H15 MQC C . -0.88 -2.97 -5.33
H17 MQC C . -2.62 -2.87 -4.98
H16 MQC C . -1.71 -4.35 -4.63
H4 MQC C . -0.15 -1.15 -3.86
H14 MQC C . 0.84 -0.06 -0.47
H5 MQC C . 2.00 1.83 -0.47
H8 MQC C . -0.51 0.84 -3.84
H7 MQC C . 0.03 2.96 -4.86
H6 MQC C . 1.49 4.60 -3.72
H18 MQC C . 2.78 6.09 -0.38
H20 MQC C . 1.22 5.21 -0.13
H19 MQC C . 1.55 6.03 -1.68
H12 MQC C . -0.13 -0.38 4.45
H13 MQC C . -2.51 -4.29 -2.30
N1 MQC C . -0.66 -2.54 4.15
C1 MQC C . -0.42 -1.71 3.06
N4 MQC C . 0.11 -0.44 3.24
C2 MQC C . -0.85 -2.16 1.70
C18 MQC C . -0.45 -1.44 0.56
C17 MQC C . -0.85 -1.83 -0.75
C3 MQC C . -1.66 -3.29 1.52
C4 MQC C . -2.06 -3.70 0.24
C5 MQC C . -1.66 -2.97 -0.89
N2 MQC C . -2.05 -3.41 -2.16
C6 MQC C . -1.60 -2.72 -3.28
C7 MQC C . -2.00 -3.23 -4.66
C8 MQC C . -0.77 -1.61 -3.14
C9 MQC C . -0.42 -1.11 -1.88
N3 MQC C . 0.42 0.00 -1.71
C10 MQC C . 0.68 1.20 -2.38
C16 MQC C . 1.46 2.13 -1.71
C11 MQC C . 0.16 1.53 -3.65
C12 MQC C . 0.42 2.79 -4.21
C13 MQC C . 1.21 3.72 -3.53
C14 MQC C . 1.77 3.38 -2.30
O1 MQC C . 2.53 4.28 -1.61
C15 MQC C . 1.87 5.29 -0.82
H11 MQC C . -0.60 -2.12 5.07
H10 MQC C . 0.10 -0.06 4.17
H9 MQC C . -0.03 0.21 2.48
H1 MQC C . 0.19 -0.56 0.69
H2 MQC C . -1.96 -3.88 2.37
H3 MQC C . -2.67 -4.59 0.15
H15 MQC C . -2.32 -4.27 -4.61
H17 MQC C . -1.16 -3.19 -5.36
H16 MQC C . -2.82 -2.64 -5.09
H4 MQC C . -0.37 -1.17 -4.05
H14 MQC C . 0.85 0.00 -0.81
H5 MQC C . 1.88 1.91 -0.73
H8 MQC C . -0.45 0.84 -4.23
H7 MQC C . 0.02 3.06 -5.17
H6 MQC C . 1.42 4.69 -3.96
H18 MQC C . 1.26 4.82 -0.03
H20 MQC C . 1.22 5.89 -1.44
H19 MQC C . 2.63 5.89 -0.37
H12 MQC C . -1.33 -3.29 4.02
H13 MQC C . -2.63 -4.23 -2.26
N1 MQC C . -0.07 -1.77 4.65
C1 MQC C . 0.30 -1.01 3.51
N4 MQC C . 0.95 0.20 3.68
C2 MQC C . -0.09 -1.47 2.14
C18 MQC C . 0.40 -0.81 1.00
C17 MQC C . 0.04 -1.21 -0.31
C3 MQC C . -0.96 -2.56 1.96
C4 MQC C . -1.35 -2.95 0.65
C5 MQC C . -0.88 -2.27 -0.46
N2 MQC C . -1.31 -2.63 -1.75
C6 MQC C . -0.75 -2.04 -2.86
C7 MQC C . -1.22 -2.49 -4.23
C8 MQC C . 0.21 -1.03 -2.71
C9 MQC C . 0.58 -0.56 -1.44
N3 MQC C . 1.50 0.48 -1.29
C10 MQC C . 1.67 1.72 -1.90
C16 MQC C . 2.46 2.66 -1.20
C11 MQC C . 1.02 2.12 -3.09
C12 MQC C . 1.19 3.44 -3.56
C13 MQC C . 1.96 4.37 -2.86
C14 MQC C . 2.59 3.98 -1.68
O1 MQC C . 3.31 4.90 -0.95
C15 MQC C . 2.63 6.00 -0.35
H11 MQC C . 0.36 -1.55 5.53
H10 MQC C . 1.40 0.57 2.86
H9 MQC C . 1.46 0.32 4.55
H1 MQC C . 1.09 0.02 1.13
H2 MQC C . -1.37 -3.09 2.82
H3 MQC C . -2.04 -3.79 0.53
H15 MQC C . -0.56 -2.16 -5.03
H17 MQC C . -2.23 -2.11 -4.45
H16 MQC C . -1.31 -3.57 -4.25
H4 MQC C . 0.68 -0.64 -3.61
H14 MQC C . 2.03 0.42 -0.42
H5 MQC C . 2.99 2.39 -0.28
H8 MQC C . 0.36 1.46 -3.61
H7 MQC C . 0.72 3.73 -4.48
H6 MQC C . 2.01 5.39 -3.23
H18 MQC C . 3.37 6.64 0.14
H20 MQC C . 1.92 5.63 0.38
H19 MQC C . 2.10 6.61 -1.10
H12 MQC C . -0.29 -2.74 4.46
H13 MQC C . -2.06 -3.30 -1.85
N1 MQC C . 0.09 -0.05 4.89
C1 MQC C . -0.55 -1.28 4.70
N4 MQC C . -0.89 -2.07 5.80
C2 MQC C . -0.88 -1.74 3.32
C18 MQC C . -0.38 -1.06 2.20
C17 MQC C . -0.73 -1.46 0.88
C3 MQC C . -1.73 -2.84 3.13
C4 MQC C . -2.11 -3.23 1.84
C5 MQC C . -1.63 -2.54 0.72
N2 MQC C . -2.03 -2.92 -0.53
C6 MQC C . -1.48 -2.32 -1.65
C7 MQC C . -1.88 -2.84 -3.01
C8 MQC C . -0.55 -1.27 -1.52
C9 MQC C . -0.16 -0.80 -0.25
N3 MQC C . 0.80 0.18 -0.06
C10 MQC C . 1.11 1.35 -0.73
C16 MQC C . 2.08 2.20 -0.14
C11 MQC C . 0.47 1.80 -1.91
C12 MQC C . 0.81 3.04 -2.47
C13 MQC C . 1.76 3.88 -1.86
C14 MQC C . 2.39 3.44 -0.70
O1 MQC C . 3.35 4.25 -0.10
C15 MQC C . 2.90 5.48 0.49
H11 MQC C . 0.08 0.60 4.11
H10 MQC C . -1.07 -3.05 5.62
H9 MQC C . -0.41 -1.81 6.64
H1 MQC C . 0.31 -0.23 2.34
H2 MQC C . -2.10 -3.42 3.98
H3 MQC C . -2.74 -4.10 1.70
H15 MQC C . -1.96 -3.94 -3.04
H17 MQC C . -1.17 -2.52 -3.78
H16 MQC C . -2.86 -2.44 -3.26
H4 MQC C . -0.05 -0.87 -2.40
H14 MQC C . 1.31 0.08 0.81
H5 MQC C . 2.56 1.90 0.79
H8 MQC C . -0.30 1.23 -2.41
H7 MQC C . 0.29 3.36 -3.36
H6 MQC C . 1.97 4.86 -2.28
H18 MQC C . 2.25 5.32 1.35
H20 MQC C . 2.34 6.08 -0.23
H19 MQC C . 3.76 6.05 0.85
H12 MQC C . 0.09 0.34 5.83
H13 MQC C . -2.71 -3.68 -0.66
N1 MQC C . -1.95 -2.23 4.97
C1 MQC C . -1.28 -1.58 3.95
N4 MQC C . -0.51 -0.46 4.22
C2 MQC C . -1.48 -2.03 2.52
C18 MQC C . -0.86 -1.34 1.45
C17 MQC C . -1.04 -1.76 0.11
C3 MQC C . -2.31 -3.14 2.24
C4 MQC C . -2.51 -3.54 0.91
C5 MQC C . -1.89 -2.85 -0.15
N2 MQC C . -2.11 -3.28 -1.45
C6 MQC C . -1.51 -2.62 -2.50
C7 MQC C . -1.86 -3.07 -3.93
C8 MQC C . -0.62 -1.56 -2.28
C9 MQC C . -0.37 -1.12 -0.95
N3 MQC C . 0.53 -0.08 -0.67
C10 MQC C . 0.88 1.09 -1.35
C16 MQC C . 1.84 1.92 -0.73
C11 MQC C . 0.30 1.51 -2.57
C12 MQC C . 0.67 2.72 -3.16
C13 MQC C . 1.63 3.53 -2.55
C14 MQC C . 2.19 3.14 -1.32
O1 MQC C . 3.06 3.98 -0.68
C15 MQC C . 2.58 5.26 -0.22
H11 MQC C . -1.98 -1.79 5.90
H10 MQC C . -0.23 -0.30 5.19
H9 MQC C . 0.11 -0.11 3.50
H1 MQC C . -0.22 -0.49 1.68
H2 MQC C . -2.81 -3.68 3.03
H3 MQC C . -3.17 -4.38 0.68
H15 MQC C . -2.79 -2.56 -4.26
H17 MQC C . -2.01 -4.16 -3.99
H16 MQC C . -1.05 -2.81 -4.62
H4 MQC C . -0.13 -1.10 -3.13
H14 MQC C . 0.92 -0.11 0.25
H5 MQC C . 2.27 1.63 0.23
H8 MQC C . -0.44 0.92 -3.07
H7 MQC C . 0.18 3.04 -4.07
H6 MQC C . 1.91 4.48 -3.00
H18 MQC C . 2.12 5.81 -1.04
H20 MQC C . 3.47 5.84 0.09
H19 MQC C . 1.89 5.16 0.61
H12 MQC C . -2.75 -2.78 4.71
H13 MQC C . -2.74 -4.04 -1.65
N1 MQC C . -1.31 -1.31 5.47
C1 MQC C . -0.48 -1.06 4.38
N4 MQC C . 0.71 -0.32 4.55
C2 MQC C . -0.85 -1.56 3.03
C18 MQC C . -0.31 -0.97 1.87
C17 MQC C . -0.70 -1.41 0.57
C3 MQC C . -1.79 -2.61 2.90
C4 MQC C . -2.17 -3.05 1.63
C5 MQC C . -1.63 -2.46 0.47
N2 MQC C . -2.05 -2.93 -0.76
C6 MQC C . -1.54 -2.35 -1.93
C7 MQC C . -2.03 -2.88 -3.26
C8 MQC C . -0.61 -1.30 -1.84
C9 MQC C . -0.18 -0.82 -0.59
N3 MQC C . 0.83 0.17 -0.49
C10 MQC C . 1.11 1.35 -1.18
C16 MQC C . 2.05 2.22 -0.60
C11 MQC C . 0.44 1.77 -2.37
C12 MQC C . 0.73 3.02 -2.94
C13 MQC C . 1.70 3.85 -2.38
C14 MQC C . 2.36 3.46 -1.19
O1 MQC C . 3.23 4.31 -0.59
C15 MQC C . 2.71 5.51 -0.02
H11 MQC C . -2.05 -1.98 5.33
H10 MQC C . 0.84 0.20 5.41
H9 MQC C . 1.16 0.05 3.71
H1 MQC C . 0.41 -0.17 1.97
H2 MQC C . -2.23 -3.09 3.78
H3 MQC C . -2.90 -3.86 1.51
H15 MQC C . -1.35 -2.62 -4.08
H17 MQC C . -3.02 -2.46 -3.51
H16 MQC C . -2.12 -3.97 -3.21
H4 MQC C . -0.21 -0.92 -2.77
H14 MQC C . 1.37 0.07 0.36
H5 MQC C . 2.53 1.94 0.33
H8 MQC C . -0.28 1.16 -2.86
H7 MQC C . 0.20 3.34 -3.85
H6 MQC C . 1.92 4.81 -2.85
H18 MQC C . 1.98 5.26 0.77
H20 MQC C . 2.21 6.14 -0.79
H19 MQC C . 3.53 6.10 0.46
H12 MQC C . -0.88 -1.26 6.39
H13 MQC C . -2.71 -3.67 -0.81
N1 MQC C . -1.47 -2.46 4.90
C1 MQC C . -0.88 -1.79 3.85
N4 MQC C . -0.07 -0.69 4.05
C2 MQC C . -1.16 -2.24 2.45
C18 MQC C . -0.64 -1.53 1.34
C17 MQC C . -0.94 -1.91 0.02
C3 MQC C . -1.97 -3.36 2.19
C4 MQC C . -2.26 -3.76 0.87
C5 MQC C . -1.77 -3.02 -0.21
N2 MQC C . -2.13 -3.41 -1.48
C6 MQC C . -1.61 -2.72 -2.58
C7 MQC C . -2.01 -3.15 -3.98
C8 MQC C . -0.73 -1.64 -2.38
C9 MQC C . -0.41 -1.19 -1.08
N3 MQC C . 0.41 -0.09 -0.84
C10 MQC C . 0.68 1.12 -1.50
C16 MQC C . 1.50 2.02 -0.78
C11 MQC C . 0.15 1.50 -2.75
C12 MQC C . 0.43 2.75 -3.28
C13 MQC C . 1.25 3.66 -2.56
C14 MQC C . 1.78 3.29 -1.32
O1 MQC C . 2.53 4.17 -0.59
C15 MQC C . 1.90 5.35 -0.07
H11 MQC C . -1.09 -2.30 5.83
H10 MQC C . 0.26 -0.49 4.99
H9 MQC C . 0.55 -0.45 3.28
H1 MQC C . -0.01 -0.66 1.52
H2 MQC C . -2.41 -3.93 3.00
H3 MQC C . -2.87 -4.65 0.68
H15 MQC C . -1.20 -2.96 -4.71
H17 MQC C . -2.89 -2.61 -4.31
H16 MQC C . -2.22 -4.22 -3.99
H4 MQC C . -0.26 -1.20 -3.24
H14 MQC C . 0.83 -0.11 0.10
H5 MQC C . 1.88 1.75 0.20
H8 MQC C . -0.53 0.86 -3.33
H7 MQC C . 0.00 3.07 -4.23
H6 MQC C . 1.48 4.65 -3.00
H18 MQC C . 2.64 5.95 0.45
H20 MQC C . 1.14 5.08 0.66
H19 MQC C . 1.43 5.93 -0.88
H12 MQC C . -1.85 -3.38 4.73
H13 MQC C . -2.78 -4.19 -1.62
N1 MQC C . -0.57 -1.95 3.95
C1 MQC C . -0.14 -1.26 2.82
N4 MQC C . 0.46 0.00 2.93
C2 MQC C . -0.52 -1.78 1.48
C18 MQC C . -0.09 -1.10 0.31
C17 MQC C . -0.46 -1.53 -0.98
C3 MQC C . -1.34 -2.91 1.32
C4 MQC C . -1.74 -3.34 0.05
C5 MQC C . -1.31 -2.65 -1.09
N2 MQC C . -1.75 -3.09 -2.33
C6 MQC C . -1.24 -2.51 -3.48
C7 MQC C . -1.67 -3.07 -4.82
C8 MQC C . -0.40 -1.39 -3.39
C9 MQC C . -0.01 -0.87 -2.13
N3 MQC C . 0.82 0.24 -2.03
C10 MQC C . 0.92 1.46 -2.69
C16 MQC C . 1.68 2.46 -2.07
C11 MQC C . 0.26 1.77 -3.90
C12 MQC C . 0.40 3.04 -4.50
C13 MQC C . 1.17 4.01 -3.85
C14 MQC C . 1.81 3.74 -2.63
O1 MQC C . 2.52 4.72 -1.98
C15 MQC C . 1.76 5.80 -1.40
H11 MQC C . -0.76 -2.93 3.83
H10 MQC C . 0.31 0.49 3.79
H9 MQC C . 0.46 0.60 2.12
H1 MQC C . 0.52 -0.21 0.43
H2 MQC C . -1.69 -3.47 2.19
H3 MQC C . -2.34 -4.22 -0.05
H15 MQC C . -2.59 -2.61 -5.17
H17 MQC C . -1.85 -4.16 -4.75
H16 MQC C . -0.89 -2.89 -5.57
H4 MQC C . 0.00 -0.95 -4.30
H14 MQC C . 1.32 0.25 -1.14
H5 MQC C . 2.19 2.24 -1.14
H8 MQC C . -0.34 1.04 -4.43
H7 MQC C . -0.06 3.24 -5.46
H6 MQC C . 1.33 5.00 -4.28
H18 MQC C . 1.25 6.41 -2.18
H20 MQC C . 2.48 6.47 -0.85
H19 MQC C . 1.03 5.43 -0.67
H12 MQC C . -0.15 -1.66 4.83
H13 MQC C . -2.41 -3.86 -2.41
N1 MQC C . 0.38 -0.46 4.47
C1 MQC C . -0.66 -1.35 4.23
N4 MQC C . -1.49 -1.79 5.26
C2 MQC C . -0.95 -1.78 2.83
C18 MQC C . -0.38 -1.13 1.74
C17 MQC C . -0.69 -1.48 0.41
C3 MQC C . -1.79 -2.91 2.60
C4 MQC C . -2.10 -3.29 1.29
C5 MQC C . -1.56 -2.58 0.20
N2 MQC C . -1.94 -2.94 -1.08
C6 MQC C . -1.48 -2.21 -2.17
C7 MQC C . -1.97 -2.57 -3.57
C8 MQC C . -0.55 -1.17 -1.99
C9 MQC C . -0.17 -0.78 -0.70
N3 MQC C . 0.73 0.27 -0.48
C10 MQC C . 1.04 1.47 -1.11
C16 MQC C . 2.00 2.31 -0.48
C11 MQC C . 0.40 1.94 -2.30
C12 MQC C . 0.75 3.18 -2.84
C13 MQC C . 1.68 4.00 -2.21
C14 MQC C . 2.32 3.54 -1.05
O1 MQC C . 3.22 4.37 -0.39
C15 MQC C . 2.73 5.53 0.27
H11 MQC C . 1.09 -0.34 3.75
H10 MQC C . -2.40 -2.11 4.98
H9 MQC C . -1.42 -1.28 6.12
H1 MQC C . 0.27 -0.28 1.93
H2 MQC C . -2.21 -3.46 3.42
H3 MQC C . -2.74 -4.13 1.12
H15 MQC C . -2.11 -3.66 -3.70
H17 MQC C . -1.29 -2.25 -4.38
H16 MQC C . -2.95 -2.10 -3.78
H4 MQC C . -0.14 -0.69 -2.88
H14 MQC C . 1.23 0.19 0.39
H5 MQC C . 2.44 1.99 0.45
H8 MQC C . -0.37 1.39 -2.80
H7 MQC C . 0.28 3.51 -3.75
H6 MQC C . 1.91 4.98 -2.62
H18 MQC C . 2.12 5.24 1.14
H20 MQC C . 2.13 6.15 -0.39
H19 MQC C . 3.57 6.12 0.67
H12 MQC C . 0.70 -0.35 5.42
H13 MQC C . -2.55 -3.74 -1.23
N1 MQC C . 0.03 -0.64 4.41
C1 MQC C . -0.72 -1.76 4.07
N4 MQC C . -1.32 -2.54 5.06
C2 MQC C . -0.93 -2.14 2.63
C18 MQC C . -0.41 -1.31 1.60
C17 MQC C . -0.57 -1.66 0.25
C3 MQC C . -1.62 -3.30 2.29
C4 MQC C . -1.79 -3.65 0.96
C5 MQC C . -1.30 -2.82 -0.07
N2 MQC C . -1.53 -3.19 -1.40
C6 MQC C . -1.02 -2.42 -2.43
C7 MQC C . -1.35 -2.79 -3.86
C8 MQC C . -0.22 -1.29 -2.15
C9 MQC C . -0.01 -0.90 -0.80
N3 MQC C . 0.80 0.19 -0.48
C10 MQC C . 1.11 1.39 -1.10
C16 MQC C . 2.06 2.23 -0.49
C11 MQC C . 0.48 1.84 -2.29
C12 MQC C . 0.79 3.09 -2.81
C13 MQC C . 1.74 3.90 -2.21
C14 MQC C . 2.40 3.48 -1.05
O1 MQC C . 3.30 4.28 -0.42
C15 MQC C . 2.82 5.47 0.22
H11 MQC C . -0.07 -0.30 5.35
H10 MQC C . -0.99 -2.41 6.01
H9 MQC C . -1.60 -3.50 4.80
H1 MQC C . 0.14 -0.41 1.84
H2 MQC C . -2.04 -3.96 3.06
H3 MQC C . -2.34 -4.54 0.69
H15 MQC C . -1.51 -3.85 -3.96
H17 MQC C . -0.58 -2.45 -4.56
H16 MQC C . -2.30 -2.32 -4.13
H4 MQC C . 0.24 -0.75 -2.95
H14 MQC C . 1.14 0.12 0.46
H5 MQC C . 2.53 1.92 0.44
H8 MQC C . -0.29 1.28 -2.76
H7 MQC C . 0.29 3.42 -3.71
H6 MQC C . 1.98 4.86 -2.63
H18 MQC C . 2.34 6.12 -0.53
H20 MQC C . 3.64 6.02 0.69
H19 MQC C . 2.06 5.23 0.95
H12 MQC C . 0.20 0.03 3.67
H13 MQC C . -2.05 -4.01 -1.62
N1 MQC C . 0.21 -0.60 4.16
C1 MQC C . -0.59 -1.71 3.88
N4 MQC C . -1.13 -2.46 4.91
C2 MQC C . -0.89 -2.05 2.46
C18 MQC C . -0.42 -1.23 1.40
C17 MQC C . -0.68 -1.53 0.05
C3 MQC C . -1.67 -3.18 2.13
C4 MQC C . -1.98 -3.45 0.78
C5 MQC C . -1.50 -2.63 -0.24
N2 MQC C . -1.82 -2.97 -1.55
C6 MQC C . -1.32 -2.22 -2.59
C7 MQC C . -1.69 -2.61 -4.03
C8 MQC C . -0.46 -1.13 -2.33
C9 MQC C . -0.13 -0.77 -1.01
N3 MQC C . 0.76 0.27 -0.72
C10 MQC C . 1.16 1.44 -1.33
C16 MQC C . 2.15 2.21 -0.69
C11 MQC C . 0.59 1.94 -2.53
C12 MQC C . 0.99 3.17 -3.04
C13 MQC C . 2.00 3.93 -2.41
C14 MQC C . 2.58 3.43 -1.23
O1 MQC C . 3.53 4.18 -0.58
C15 MQC C . 3.10 5.35 0.12
H11 MQC C . 0.14 -0.20 5.08
H10 MQC C . -1.46 -3.40 4.70
H9 MQC C . -0.81 -2.27 5.85
H1 MQC C . 0.21 -0.38 1.65
H2 MQC C . -2.00 -3.87 2.87
H3 MQC C . -2.57 -4.33 0.54
H15 MQC C . -0.85 -2.45 -4.71
H17 MQC C . -2.57 -2.06 -4.39
H16 MQC C . -1.93 -3.68 -4.10
H4 MQC C . 0.00 -0.62 -3.17
H14 MQC C . 1.12 0.23 0.24
H5 MQC C . 2.58 1.87 0.24
H8 MQC C . -0.19 1.40 -3.04
H7 MQC C . 0.54 3.54 -3.95
H6 MQC C . 2.29 4.88 -2.82
H18 MQC C . 2.35 5.04 0.87
H20 MQC C . 2.62 6.06 -0.57
H19 MQC C . 3.96 5.81 0.63
H12 MQC C . 0.35 0.06 3.41
H13 MQC C . -2.45 -3.75 -1.71
N1 MQC C . -1.16 -2.57 5.17
C1 MQC C . -0.57 -1.92 4.08
N4 MQC C . 0.36 -0.91 4.34
C2 MQC C . -0.89 -2.32 2.68
C18 MQC C . -0.48 -1.50 1.60
C17 MQC C . -0.75 -1.86 0.26
C3 MQC C . -1.60 -3.50 2.41
C4 MQC C . -1.87 -3.87 1.10
C5 MQC C . -1.47 -3.06 0.03
N2 MQC C . -1.82 -3.43 -1.28
C6 MQC C . -1.37 -2.69 -2.36
C7 MQC C . -1.74 -3.14 -3.77
C8 MQC C . -0.60 -1.53 -2.14
C9 MQC C . -0.34 -1.07 -0.84
N3 MQC C . 0.39 0.09 -0.56
C10 MQC C . 0.74 1.24 -1.26
C16 MQC C . 1.62 2.13 -0.62
C11 MQC C . 0.20 1.61 -2.51
C12 MQC C . 0.56 2.83 -3.11
C13 MQC C . 1.45 3.69 -2.49
C14 MQC C . 1.98 3.34 -1.24
O1 MQC C . 2.83 4.21 -0.59
C15 MQC C . 2.31 5.44 -0.07
H11 MQC C . -1.65 -3.45 4.97
H10 MQC C . 0.46 -0.56 5.29
H9 MQC C . 0.59 -0.31 3.57
H1 MQC C . 0.05 -0.59 1.82
H2 MQC C . -1.91 -4.17 3.22
H3 MQC C . -2.40 -4.82 0.94
H15 MQC C . -0.94 -2.89 -4.49
H17 MQC C . -2.66 -2.68 -4.11
H16 MQC C . -1.89 -4.24 -3.81
H4 MQC C . -0.22 -0.99 -3.00
H14 MQC C . 0.73 0.11 0.40
H5 MQC C . 2.03 1.88 0.34
H8 MQC C . -0.52 1.00 -3.04
H7 MQC C . 0.15 3.08 -4.09
H6 MQC C . 1.71 4.63 -2.96
H18 MQC C . 3.12 6.02 0.42
H20 MQC C . 1.52 5.27 0.67
H19 MQC C . 1.92 6.09 -0.87
H12 MQC C . -0.70 -2.50 6.07
H13 MQC C . -2.41 -4.22 -1.42
N1 MQC C . -2.03 -2.35 5.30
C1 MQC C . -1.31 -1.75 4.28
N4 MQC C . -0.59 -0.61 4.54
C2 MQC C . -1.53 -2.18 2.85
C18 MQC C . -0.88 -1.54 1.79
C17 MQC C . -1.14 -1.89 0.44
C3 MQC C . -2.42 -3.23 2.56
C4 MQC C . -2.67 -3.62 1.24
C5 MQC C . -2.05 -2.94 0.18
N2 MQC C . -2.33 -3.34 -1.13
C6 MQC C . -1.69 -2.72 -2.19
C7 MQC C . -2.01 -3.19 -3.60
C8 MQC C . -0.77 -1.70 -1.95
C9 MQC C . -0.49 -1.26 -0.63
N3 MQC C . 0.48 -0.29 -0.36
C10 MQC C . 0.85 0.92 -0.96
C16 MQC C . 1.79 1.72 -0.28
C11 MQC C . 0.26 1.42 -2.13
C12 MQC C . 0.62 2.68 -2.64
C13 MQC C . 1.57 3.46 -1.95
C14 MQC C . 2.15 2.98 -0.80
O1 MQC C . 3.07 3.74 -0.14
C15 MQC C . 2.61 4.95 0.48
H11 MQC C . -2.87 -2.86 5.03
H10 MQC C . -0.35 -0.02 3.75
H9 MQC C . -0.84 -0.10 5.38
H1 MQC C . -0.20 -0.72 2.00
H2 MQC C . -2.93 -3.77 3.36
H3 MQC C . -3.33 -4.47 1.04
H15 MQC C . -1.17 -3.03 -4.28
H17 MQC C . -2.87 -2.66 -4.00
H16 MQC C . -2.29 -4.24 -3.63
H4 MQC C . -0.24 -1.29 -2.79
H14 MQC C . 0.88 -0.37 0.56
H5 MQC C . 2.23 1.36 0.66
H8 MQC C . -0.48 0.86 -2.68
H7 MQC C . 0.16 3.03 -3.56
H6 MQC C . 1.82 4.43 -2.35
H18 MQC C . 2.14 5.61 -0.26
H20 MQC C . 3.48 5.49 0.89
H19 MQC C . 1.89 4.76 1.28
H12 MQC C . -2.07 -1.86 6.20
H13 MQC C . -3.02 -4.06 -1.32
N1 MQC C . 0.29 -0.89 4.55
C1 MQC C . -0.61 -1.92 4.26
N4 MQC C . -1.21 -2.64 5.29
C2 MQC C . -0.96 -2.23 2.84
C18 MQC C . -0.38 -1.51 1.78
C17 MQC C . -0.72 -1.75 0.43
C3 MQC C . -1.90 -3.23 2.52
C4 MQC C . -2.26 -3.50 1.20
C5 MQC C . -1.68 -2.76 0.14
N2 MQC C . -2.08 -3.02 -1.17
C6 MQC C . -1.50 -2.32 -2.21
C7 MQC C . -1.92 -2.70 -3.62
C8 MQC C . -0.50 -1.35 -1.97
C9 MQC C . -0.11 -1.04 -0.64
N3 MQC C . 0.89 -0.13 -0.36
C10 MQC C . 1.32 1.08 -0.91
C16 MQC C . 2.22 1.83 -0.13
C11 MQC C . 0.85 1.64 -2.10
C12 MQC C . 1.32 2.90 -2.52
C13 MQC C . 2.25 3.61 -1.76
C14 MQC C . 2.69 3.07 -0.54
O1 MQC C . 3.60 3.72 0.27
C15 MQC C . 4.26 4.93 -0.14
H11 MQC C . 0.63 -0.80 5.48
H10 MQC C . -1.59 -3.57 5.05
H9 MQC C . -0.84 -2.53 6.21
H1 MQC C . 0.32 -0.72 2.03
H2 MQC C . -2.37 -3.82 3.31
H3 MQC C . -2.98 -4.27 0.98
H15 MQC C . -2.85 -2.20 -3.92
H17 MQC C . -2.08 -3.78 -3.76
H16 MQC C . -1.15 -2.39 -4.33
H4 MQC C . -0.01 -0.89 -2.81
H14 MQC C . 1.32 -0.28 0.56
H5 MQC C . 2.54 1.42 0.82
H8 MQC C . 0.13 1.15 -2.74
H7 MQC C . 0.93 3.36 -3.42
H6 MQC C . 2.58 4.59 -2.11
H18 MQC C . 4.88 5.29 0.69
H20 MQC C . 3.51 5.70 -0.38
H19 MQC C . 4.89 4.73 -1.02
H12 MQC C . 0.81 -0.47 3.77
H13 MQC C . -2.81 -3.70 -1.36
#